data_4Z0F
#
_entry.id   4Z0F
#
_cell.length_a   38.100
_cell.length_b   72.181
_cell.length_c   115.740
_cell.angle_alpha   90.000
_cell.angle_beta   90.000
_cell.angle_gamma   90.000
#
_symmetry.space_group_name_H-M   'P 21 21 21'
#
loop_
_entity.id
_entity.type
_entity.pdbx_description
1 polymer 'Apical membrane antigen 1'
2 polymer 'Rhoptry neck protein 2'
3 water water
#
loop_
_entity_poly.entity_id
_entity_poly.type
_entity_poly.pdbx_seq_one_letter_code
_entity_poly.pdbx_strand_id
1 'polypeptide(L)'
;NYMGNPWTEYMAKYDIEEVHGSGIRVDLGEDAEVAGTQYRLPSGKCPVFGKGIIIENSNTTFLKPVATGNQDLKDGGFAF
PPTNPLISPMTLNGMRDFYKNNEYVKNLDELTLCSRHAGNMNPDNDKNSNYKYPAVYDYNDKKCHILYIAAQENNGPRYC
NKDQSKRNSMFCFRPAKDKLFENYTYLSKNVVDNWEEVCPRKNLENAKFGLWVDGNCEDIPHVNEFSANDLFECNKLVFE
LSASDQPKQYEQHLTDYEKIKEGFKNKNASMIKSAFLPTGAFKADRYKSHGKGYNWGNYNRETQKCEIFNVKPTCLINNS
SYIATTALSHPIEVE
;
A
2 'polypeptide(L)' C(6CW)TTRMSPPQQIC C
#
# COMPACT_ATOMS: atom_id res chain seq x y z
N GLY A 4 -33.40 2.65 4.69
CA GLY A 4 -32.15 3.12 4.11
C GLY A 4 -30.94 2.63 4.89
N ASN A 5 -29.77 2.76 4.28
CA ASN A 5 -28.52 2.33 4.91
C ASN A 5 -27.76 3.50 5.52
N PRO A 6 -27.72 3.55 6.87
CA PRO A 6 -27.01 4.62 7.60
C PRO A 6 -25.51 4.38 7.66
N TRP A 7 -25.08 3.21 7.21
CA TRP A 7 -23.66 2.85 7.24
C TRP A 7 -22.91 3.35 6.02
N THR A 8 -23.66 3.82 5.01
CA THR A 8 -23.11 4.17 3.71
C THR A 8 -21.84 5.03 3.77
N GLU A 9 -21.96 6.22 4.36
CA GLU A 9 -20.83 7.15 4.44
C GLU A 9 -19.67 6.55 5.22
N TYR A 10 -19.97 5.88 6.32
CA TYR A 10 -18.94 5.28 7.15
C TYR A 10 -18.21 4.16 6.42
N MET A 11 -18.96 3.35 5.68
CA MET A 11 -18.42 2.15 5.04
C MET A 11 -17.73 2.43 3.71
N ALA A 12 -17.71 3.70 3.31
CA ALA A 12 -17.15 4.08 2.02
C ALA A 12 -15.68 3.67 1.88
N LYS A 13 -14.92 3.82 2.97
CA LYS A 13 -13.49 3.53 2.93
C LYS A 13 -13.18 2.05 2.79
N TYR A 14 -14.21 1.21 2.92
CA TYR A 14 -14.04 -0.23 2.83
C TYR A 14 -14.47 -0.76 1.48
N ASP A 15 -14.96 0.14 0.62
CA ASP A 15 -15.17 -0.16 -0.78
C ASP A 15 -13.81 -0.05 -1.48
N ILE A 16 -12.92 -0.98 -1.16
CA ILE A 16 -11.53 -0.95 -1.60
C ILE A 16 -11.39 -0.81 -3.11
N GLU A 17 -12.27 -1.49 -3.85
CA GLU A 17 -12.28 -1.40 -5.31
C GLU A 17 -12.47 0.04 -5.78
N GLU A 18 -13.17 0.83 -4.98
CA GLU A 18 -13.47 2.22 -5.34
C GLU A 18 -12.44 3.22 -4.83
N VAL A 19 -11.98 3.03 -3.59
CA VAL A 19 -11.09 3.99 -2.96
C VAL A 19 -9.62 3.67 -3.17
N HIS A 20 -9.30 2.40 -3.41
CA HIS A 20 -7.93 2.00 -3.73
C HIS A 20 -7.80 1.84 -5.23
N GLY A 21 -8.66 0.99 -5.80
CA GLY A 21 -8.81 0.88 -7.24
C GLY A 21 -7.70 0.13 -7.97
N SER A 22 -6.87 -0.59 -7.22
CA SER A 22 -5.78 -1.33 -7.83
C SER A 22 -5.38 -2.54 -6.98
N GLY A 23 -4.32 -3.22 -7.39
CA GLY A 23 -3.80 -4.35 -6.64
C GLY A 23 -3.32 -3.94 -5.26
N ILE A 24 -3.32 -4.89 -4.33
CA ILE A 24 -2.84 -4.63 -2.98
C ILE A 24 -1.59 -5.45 -2.67
N ARG A 25 -1.74 -6.77 -2.76
CA ARG A 25 -0.59 -7.66 -2.62
C ARG A 25 0.47 -7.29 -3.65
N VAL A 26 0.07 -7.27 -4.91
CA VAL A 26 0.90 -6.74 -5.98
C VAL A 26 0.16 -5.63 -6.71
N ASP A 27 0.68 -4.42 -6.61
CA ASP A 27 0.06 -3.25 -7.23
C ASP A 27 0.76 -2.87 -8.52
N LEU A 28 0.11 -3.15 -9.64
CA LEU A 28 0.62 -2.78 -10.96
C LEU A 28 -0.54 -2.40 -11.87
N GLY A 29 -1.32 -1.41 -11.43
CA GLY A 29 -2.58 -1.08 -12.07
C GLY A 29 -2.51 -0.09 -13.22
N GLU A 30 -1.32 0.45 -13.49
CA GLU A 30 -1.16 1.39 -14.59
C GLU A 30 0.11 1.11 -15.40
N ASP A 31 0.21 1.78 -16.54
CA ASP A 31 1.42 1.69 -17.37
C ASP A 31 1.94 3.10 -17.65
N ALA A 32 3.22 3.19 -17.99
CA ALA A 32 3.84 4.46 -18.30
C ALA A 32 5.06 4.26 -19.20
N GLU A 33 5.26 5.17 -20.14
CA GLU A 33 6.35 5.05 -21.09
C GLU A 33 7.60 5.82 -20.66
N VAL A 34 8.74 5.16 -20.76
CA VAL A 34 10.03 5.80 -20.52
C VAL A 34 10.96 5.56 -21.71
N ALA A 35 11.20 6.61 -22.48
CA ALA A 35 12.04 6.55 -23.68
C ALA A 35 11.54 5.50 -24.67
N GLY A 36 10.24 5.52 -24.94
CA GLY A 36 9.66 4.67 -25.96
C GLY A 36 9.18 3.31 -25.51
N THR A 37 9.55 2.90 -24.30
CA THR A 37 9.17 1.59 -23.79
C THR A 37 8.15 1.68 -22.67
N GLN A 38 7.14 0.82 -22.70
CA GLN A 38 6.10 0.80 -21.68
C GLN A 38 6.53 -0.02 -20.46
N TYR A 39 6.15 0.44 -19.28
CA TYR A 39 6.46 -0.25 -18.03
C TYR A 39 5.24 -0.32 -17.12
N ARG A 40 5.13 -1.40 -16.36
CA ARG A 40 4.05 -1.53 -15.39
C ARG A 40 4.35 -0.67 -14.15
N LEU A 41 3.30 -0.18 -13.51
CA LEU A 41 3.47 0.78 -12.43
C LEU A 41 2.39 0.64 -11.34
N PRO A 42 2.81 0.73 -10.07
CA PRO A 42 1.85 0.79 -8.97
C PRO A 42 0.97 2.03 -9.07
N SER A 43 -0.31 1.91 -8.72
CA SER A 43 -1.23 3.02 -8.90
C SER A 43 -2.39 3.01 -7.91
N GLY A 44 -2.22 2.31 -6.79
CA GLY A 44 -3.22 2.32 -5.74
C GLY A 44 -3.37 3.71 -5.16
N LYS A 45 -4.58 4.05 -4.71
CA LYS A 45 -4.84 5.38 -4.18
C LYS A 45 -4.75 5.40 -2.65
N CYS A 46 -4.64 4.23 -2.05
CA CYS A 46 -4.50 4.11 -0.60
C CYS A 46 -3.11 3.59 -0.24
N PRO A 47 -2.59 4.02 0.92
CA PRO A 47 -1.33 3.46 1.42
C PRO A 47 -1.55 2.03 1.91
N VAL A 48 -0.52 1.19 1.79
CA VAL A 48 -0.61 -0.18 2.27
C VAL A 48 0.24 -0.34 3.52
N PHE A 49 -0.42 -0.36 4.67
CA PHE A 49 0.28 -0.40 5.95
C PHE A 49 0.86 -1.77 6.28
N GLY A 50 2.15 -1.81 6.54
CA GLY A 50 2.81 -3.04 6.97
C GLY A 50 3.36 -3.86 5.82
N LYS A 51 3.17 -3.39 4.59
CA LYS A 51 3.65 -4.11 3.42
C LYS A 51 5.11 -3.83 3.12
N GLY A 52 5.88 -4.90 2.93
CA GLY A 52 7.25 -4.80 2.49
C GLY A 52 7.56 -5.90 1.51
N ILE A 53 8.81 -5.98 1.06
CA ILE A 53 9.22 -7.04 0.16
C ILE A 53 10.28 -7.93 0.81
N ILE A 54 10.01 -9.24 0.85
CA ILE A 54 10.97 -10.19 1.37
C ILE A 54 11.88 -10.70 0.26
N ILE A 55 13.18 -10.51 0.42
CA ILE A 55 14.14 -10.97 -0.57
C ILE A 55 14.65 -12.37 -0.22
N GLU A 56 14.32 -13.34 -1.07
CA GLU A 56 14.68 -14.72 -0.82
C GLU A 56 16.17 -14.97 -1.04
N ASN A 57 16.67 -16.04 -0.42
CA ASN A 57 18.08 -16.44 -0.53
C ASN A 57 19.05 -15.37 0.00
N SER A 58 19.02 -14.20 -0.62
CA SER A 58 19.90 -13.10 -0.23
C SER A 58 19.59 -12.59 1.17
N ASN A 59 20.58 -11.97 1.80
CA ASN A 59 20.43 -11.44 3.14
C ASN A 59 20.21 -9.93 3.14
N THR A 60 20.14 -9.34 1.95
CA THR A 60 19.95 -7.91 1.80
C THR A 60 18.49 -7.52 1.95
N THR A 61 18.22 -6.53 2.80
CA THR A 61 16.87 -6.01 2.96
C THR A 61 16.50 -5.16 1.75
N PHE A 62 15.19 -5.01 1.51
CA PHE A 62 14.73 -4.40 0.26
C PHE A 62 14.77 -2.87 0.30
N LEU A 63 14.98 -2.28 1.48
CA LEU A 63 15.12 -0.84 1.59
C LEU A 63 16.55 -0.39 1.30
N LYS A 64 17.44 -1.36 1.15
CA LYS A 64 18.82 -1.07 0.77
C LYS A 64 18.86 -0.52 -0.65
N PRO A 65 19.83 0.35 -0.93
CA PRO A 65 19.97 0.92 -2.29
C PRO A 65 20.17 -0.16 -3.35
N VAL A 66 19.65 0.08 -4.55
CA VAL A 66 19.81 -0.86 -5.65
C VAL A 66 21.30 -0.98 -5.98
N ALA A 67 21.71 -2.15 -6.46
CA ALA A 67 23.12 -2.43 -6.72
C ALA A 67 23.72 -1.47 -7.73
N THR A 68 24.85 -0.87 -7.35
CA THR A 68 25.54 0.08 -8.21
C THR A 68 26.97 -0.39 -8.51
N LEU A 73 24.27 -7.77 -8.04
CA LEU A 73 22.86 -7.43 -7.95
C LEU A 73 22.25 -7.94 -6.66
N LYS A 74 22.83 -9.01 -6.12
CA LYS A 74 22.32 -9.63 -4.91
C LYS A 74 22.66 -8.82 -3.67
N ASP A 75 23.62 -7.90 -3.80
CA ASP A 75 24.04 -7.06 -2.68
C ASP A 75 23.25 -5.77 -2.63
N GLY A 76 22.39 -5.55 -3.63
CA GLY A 76 21.59 -4.35 -3.70
C GLY A 76 20.11 -4.63 -3.47
N GLY A 77 19.39 -3.62 -2.98
CA GLY A 77 17.98 -3.75 -2.70
C GLY A 77 17.09 -3.15 -3.77
N PHE A 78 16.02 -2.49 -3.34
CA PHE A 78 15.02 -1.95 -4.26
C PHE A 78 15.02 -0.42 -4.30
N ALA A 79 15.71 0.19 -3.34
CA ALA A 79 15.63 1.64 -3.17
C ALA A 79 16.59 2.41 -4.06
N PHE A 80 16.40 3.72 -4.10
CA PHE A 80 17.27 4.62 -4.86
C PHE A 80 18.69 4.61 -4.32
N PRO A 81 19.68 4.62 -5.22
CA PRO A 81 21.08 4.76 -4.83
C PRO A 81 21.38 6.18 -4.36
N PRO A 82 22.53 6.42 -3.73
CA PRO A 82 22.90 7.77 -3.31
C PRO A 82 22.85 8.77 -4.47
N THR A 83 22.37 9.98 -4.18
CA THR A 83 22.29 11.03 -5.19
C THR A 83 22.89 12.33 -4.66
N ASN A 84 23.09 13.30 -5.56
CA ASN A 84 23.53 14.63 -5.16
C ASN A 84 22.62 15.69 -5.76
N PRO A 85 21.81 16.36 -4.92
CA PRO A 85 21.76 16.15 -3.46
C PRO A 85 21.03 14.86 -3.08
N LEU A 86 21.23 14.41 -1.85
CA LEU A 86 20.62 13.17 -1.38
C LEU A 86 19.11 13.31 -1.27
N ILE A 87 18.38 12.73 -2.22
CA ILE A 87 16.93 12.81 -2.24
C ILE A 87 16.29 11.59 -1.59
N SER A 88 17.05 10.51 -1.48
CA SER A 88 16.52 9.27 -0.91
C SER A 88 17.62 8.45 -0.25
N PRO A 89 17.39 8.02 1.01
CA PRO A 89 16.17 8.30 1.78
C PRO A 89 16.17 9.72 2.35
N MET A 90 14.98 10.26 2.59
CA MET A 90 14.87 11.60 3.15
C MET A 90 13.85 11.63 4.28
N THR A 91 14.24 12.23 5.41
CA THR A 91 13.35 12.34 6.55
C THR A 91 12.16 13.25 6.23
N LEU A 92 11.14 13.19 7.06
CA LEU A 92 9.96 14.05 6.90
C LEU A 92 10.36 15.52 6.96
N ASN A 93 11.13 15.87 7.99
CA ASN A 93 11.62 17.23 8.15
C ASN A 93 12.51 17.66 6.98
N GLY A 94 13.25 16.70 6.43
CA GLY A 94 14.08 16.96 5.28
C GLY A 94 13.23 17.31 4.06
N MET A 95 12.11 16.61 3.92
CA MET A 95 11.21 16.84 2.80
C MET A 95 10.48 18.16 2.91
N ARG A 96 10.00 18.49 4.12
CA ARG A 96 9.30 19.74 4.35
C ARG A 96 10.22 20.93 4.11
N ASP A 97 11.49 20.76 4.46
CA ASP A 97 12.49 21.80 4.22
C ASP A 97 12.80 21.90 2.73
N PHE A 98 12.84 20.75 2.07
CA PHE A 98 13.15 20.68 0.64
C PHE A 98 12.11 21.41 -0.20
N TYR A 99 10.85 21.35 0.25
CA TYR A 99 9.74 21.95 -0.49
C TYR A 99 9.13 23.15 0.23
N LYS A 100 9.94 23.88 0.99
CA LYS A 100 9.41 24.95 1.85
C LYS A 100 8.82 26.12 1.06
N ASN A 101 9.19 26.24 -0.21
CA ASN A 101 8.67 27.32 -1.06
C ASN A 101 7.40 26.91 -1.82
N ASN A 102 7.07 25.63 -1.75
CA ASN A 102 5.88 25.10 -2.42
C ASN A 102 4.74 24.87 -1.43
N GLU A 103 3.74 25.75 -1.47
CA GLU A 103 2.63 25.69 -0.52
C GLU A 103 1.69 24.54 -0.78
N TYR A 104 1.76 23.96 -1.97
CA TYR A 104 0.88 22.86 -2.35
C TYR A 104 1.45 21.51 -1.95
N VAL A 105 2.64 21.52 -1.35
CA VAL A 105 3.36 20.28 -1.09
C VAL A 105 3.93 20.21 0.33
N LYS A 106 4.44 21.35 0.81
CA LYS A 106 5.18 21.38 2.08
C LYS A 106 4.37 20.95 3.30
N ASN A 107 3.05 21.03 3.22
CA ASN A 107 2.20 20.75 4.37
C ASN A 107 1.42 19.45 4.25
N LEU A 108 1.69 18.68 3.19
CA LEU A 108 1.06 17.39 3.00
C LEU A 108 1.43 16.42 4.12
N ASP A 109 0.54 15.48 4.41
CA ASP A 109 0.83 14.45 5.40
C ASP A 109 2.04 13.63 4.96
N GLU A 110 2.70 12.99 5.92
CA GLU A 110 3.97 12.29 5.66
C GLU A 110 3.89 11.26 4.53
N LEU A 111 2.76 10.58 4.42
CA LEU A 111 2.62 9.54 3.40
C LEU A 111 2.42 10.13 2.01
N THR A 112 1.54 11.13 1.91
CA THR A 112 1.29 11.77 0.63
C THR A 112 2.51 12.52 0.15
N LEU A 113 3.16 13.23 1.07
CA LEU A 113 4.39 13.96 0.77
C LEU A 113 5.47 13.04 0.23
N CYS A 114 5.63 11.89 0.88
CA CYS A 114 6.57 10.87 0.43
C CYS A 114 6.22 10.37 -0.97
N SER A 115 4.92 10.24 -1.23
CA SER A 115 4.44 9.81 -2.54
C SER A 115 4.74 10.86 -3.60
N ARG A 116 4.47 12.12 -3.27
CA ARG A 116 4.73 13.22 -4.20
CA ARG A 116 4.73 13.23 -4.19
C ARG A 116 6.23 13.42 -4.41
N HIS A 117 7.01 13.22 -3.37
CA HIS A 117 8.46 13.36 -3.44
C HIS A 117 9.06 12.37 -4.43
N ALA A 118 8.65 11.11 -4.29
CA ALA A 118 9.10 10.06 -5.20
C ALA A 118 8.58 10.31 -6.61
N GLY A 119 7.40 10.91 -6.70
CA GLY A 119 6.78 11.20 -7.99
C GLY A 119 7.35 12.44 -8.65
N ASN A 120 8.25 13.12 -7.95
CA ASN A 120 8.86 14.34 -8.46
C ASN A 120 10.05 14.04 -9.36
N MET A 121 10.55 12.80 -9.30
CA MET A 121 11.76 12.43 -10.02
C MET A 121 11.45 11.83 -11.40
N ASN A 122 11.69 12.62 -12.44
CA ASN A 122 11.45 12.17 -13.81
C ASN A 122 12.68 11.54 -14.43
N PRO A 123 12.60 10.24 -14.77
CA PRO A 123 13.70 9.50 -15.38
C PRO A 123 13.97 9.89 -16.83
N ASP A 124 12.93 10.39 -17.50
CA ASP A 124 13.06 10.87 -18.87
C ASP A 124 13.61 12.29 -18.84
N ASN A 125 14.93 12.42 -18.88
CA ASN A 125 15.58 13.73 -18.81
C ASN A 125 16.11 14.18 -20.17
N LYS A 127 11.95 15.02 -21.97
CA LYS A 127 10.50 15.07 -22.11
C LYS A 127 9.77 14.62 -20.86
N ASN A 128 8.55 15.11 -20.70
CA ASN A 128 7.68 14.69 -19.61
C ASN A 128 7.21 13.26 -19.82
N SER A 129 7.45 12.42 -18.82
CA SER A 129 6.96 11.05 -18.82
C SER A 129 5.96 10.89 -17.68
N ASN A 130 5.16 9.83 -17.73
CA ASN A 130 4.16 9.58 -16.70
C ASN A 130 4.71 8.65 -15.61
N TYR A 131 5.97 8.26 -15.75
CA TYR A 131 6.56 7.31 -14.83
C TYR A 131 6.90 7.95 -13.49
N LYS A 132 6.25 7.47 -12.44
CA LYS A 132 6.56 7.92 -11.09
C LYS A 132 6.82 6.71 -10.20
N TYR A 133 7.98 6.71 -9.55
CA TYR A 133 8.39 5.61 -8.70
C TYR A 133 7.47 5.44 -7.50
N PRO A 134 7.27 4.19 -7.06
CA PRO A 134 6.58 3.96 -5.79
C PRO A 134 7.50 4.33 -4.63
N ALA A 135 6.98 4.33 -3.41
CA ALA A 135 7.80 4.71 -2.26
C ALA A 135 7.41 3.94 -1.01
N VAL A 136 8.35 3.83 -0.08
CA VAL A 136 8.07 3.27 1.24
C VAL A 136 8.38 4.32 2.29
N TYR A 137 7.40 4.58 3.16
CA TYR A 137 7.65 5.46 4.29
C TYR A 137 7.75 4.65 5.57
N ASP A 138 8.88 4.80 6.27
CA ASP A 138 9.14 4.07 7.49
C ASP A 138 8.85 4.94 8.71
N TYR A 139 7.76 4.64 9.40
CA TYR A 139 7.34 5.40 10.57
C TYR A 139 8.36 5.33 11.71
N ASN A 140 9.20 4.31 11.70
CA ASN A 140 10.18 4.11 12.78
C ASN A 140 11.15 5.28 12.91
N ASP A 141 11.80 5.66 11.81
CA ASP A 141 12.72 6.78 11.82
C ASP A 141 12.25 7.93 10.93
N LYS A 142 10.96 7.91 10.61
CA LYS A 142 10.33 8.96 9.80
C LYS A 142 11.07 9.23 8.50
N LYS A 143 11.42 8.17 7.77
CA LYS A 143 12.15 8.31 6.52
C LYS A 143 11.34 7.87 5.31
N CYS A 144 11.43 8.65 4.24
CA CYS A 144 10.81 8.30 2.97
C CYS A 144 11.85 7.66 2.05
N HIS A 145 11.58 6.42 1.64
CA HIS A 145 12.46 5.72 0.72
C HIS A 145 11.86 5.64 -0.67
N ILE A 146 12.53 6.22 -1.66
CA ILE A 146 12.09 6.12 -3.03
C ILE A 146 12.55 4.79 -3.63
N LEU A 147 11.61 4.01 -4.14
CA LEU A 147 11.92 2.70 -4.70
C LEU A 147 12.27 2.79 -6.18
N TYR A 148 13.51 2.42 -6.52
CA TYR A 148 13.97 2.42 -7.90
C TYR A 148 13.36 1.25 -8.66
N ILE A 149 13.12 0.14 -7.95
CA ILE A 149 12.49 -1.03 -8.53
C ILE A 149 11.01 -1.10 -8.14
N ALA A 150 10.14 -1.12 -9.13
CA ALA A 150 8.70 -1.12 -8.89
C ALA A 150 8.15 -2.54 -8.80
N ALA A 151 8.97 -3.52 -9.17
CA ALA A 151 8.59 -4.92 -9.10
C ALA A 151 8.30 -5.32 -7.66
N GLN A 152 7.45 -6.32 -7.47
CA GLN A 152 7.03 -6.70 -6.13
C GLN A 152 7.06 -8.22 -5.89
N GLU A 153 7.02 -9.00 -6.96
CA GLU A 153 7.14 -10.45 -6.81
C GLU A 153 7.80 -11.12 -8.00
N ASN A 154 8.68 -12.06 -7.71
CA ASN A 154 9.35 -12.86 -8.73
C ASN A 154 9.75 -14.22 -8.16
N ASN A 155 8.95 -15.24 -8.46
CA ASN A 155 9.21 -16.58 -7.95
C ASN A 155 8.72 -17.66 -8.90
N PHE A 171 17.24 -13.48 -8.86
CA PHE A 171 16.65 -12.48 -7.98
C PHE A 171 15.20 -12.82 -7.69
N CYS A 172 14.98 -13.56 -6.60
CA CYS A 172 13.63 -13.99 -6.23
C CYS A 172 13.13 -13.25 -4.99
N PHE A 173 11.91 -12.73 -5.08
CA PHE A 173 11.31 -11.98 -3.98
C PHE A 173 9.80 -12.06 -3.97
N ARG A 174 9.18 -11.59 -2.90
CA ARG A 174 7.74 -11.66 -2.74
C ARG A 174 7.25 -10.62 -1.72
N PRO A 175 6.02 -10.13 -1.89
CA PRO A 175 5.45 -9.18 -0.93
C PRO A 175 4.81 -9.90 0.25
N ALA A 176 4.79 -9.27 1.41
CA ALA A 176 4.18 -9.86 2.59
C ALA A 176 3.99 -8.84 3.70
N LYS A 177 3.02 -9.11 4.56
CA LYS A 177 2.98 -8.46 5.86
C LYS A 177 3.94 -9.22 6.76
N ASP A 178 4.71 -8.52 7.56
CA ASP A 178 5.67 -9.15 8.45
C ASP A 178 5.97 -8.23 9.62
N LYS A 179 6.36 -8.82 10.74
CA LYS A 179 6.68 -8.06 11.94
C LYS A 179 7.78 -7.04 11.67
N LEU A 180 8.70 -7.42 10.78
CA LEU A 180 9.79 -6.54 10.39
C LEU A 180 9.30 -5.36 9.55
N PHE A 181 8.14 -5.51 8.93
CA PHE A 181 7.61 -4.50 8.01
C PHE A 181 6.48 -3.67 8.61
N GLU A 182 6.19 -3.86 9.89
CA GLU A 182 4.96 -3.30 10.48
C GLU A 182 4.94 -1.77 10.50
N ASN A 183 6.11 -1.14 10.49
CA ASN A 183 6.17 0.31 10.45
C ASN A 183 6.40 0.84 9.03
N TYR A 184 6.51 -0.08 8.08
CA TYR A 184 6.64 0.29 6.67
C TYR A 184 5.28 0.63 6.10
N THR A 185 5.28 1.42 5.03
CA THR A 185 4.06 1.78 4.34
C THR A 185 4.33 1.89 2.85
N TYR A 186 3.73 1.00 2.08
CA TYR A 186 3.96 0.96 0.64
C TYR A 186 3.07 1.98 -0.08
N LEU A 187 3.71 2.89 -0.81
CA LEU A 187 3.00 4.03 -1.40
C LEU A 187 3.18 4.09 -2.91
N SER A 188 2.07 4.07 -3.65
CA SER A 188 2.13 4.27 -5.09
C SER A 188 2.13 5.76 -5.40
N LYS A 189 2.19 6.10 -6.68
CA LYS A 189 2.23 7.49 -7.10
C LYS A 189 0.88 8.17 -6.94
N ASN A 190 -0.18 7.38 -6.79
CA ASN A 190 -1.54 7.90 -6.80
C ASN A 190 -2.16 8.05 -5.41
N VAL A 191 -1.35 7.88 -4.37
CA VAL A 191 -1.83 8.03 -2.99
C VAL A 191 -2.51 9.39 -2.80
N VAL A 192 -3.80 9.36 -2.49
CA VAL A 192 -4.59 10.59 -2.37
C VAL A 192 -4.24 11.33 -1.08
N ASP A 193 -4.35 12.65 -1.12
CA ASP A 193 -3.93 13.49 0.01
C ASP A 193 -4.91 13.42 1.19
N ASN A 194 -6.06 12.80 0.98
CA ASN A 194 -7.01 12.61 2.06
C ASN A 194 -7.25 11.13 2.37
N TRP A 195 -6.18 10.33 2.32
CA TRP A 195 -6.27 8.90 2.60
C TRP A 195 -6.73 8.65 4.03
N GLU A 196 -6.39 9.58 4.93
CA GLU A 196 -6.80 9.45 6.33
C GLU A 196 -8.31 9.43 6.46
N GLU A 197 -8.98 10.09 5.53
CA GLU A 197 -10.43 10.20 5.56
C GLU A 197 -11.11 9.08 4.77
N VAL A 198 -10.55 8.71 3.63
CA VAL A 198 -11.22 7.79 2.72
C VAL A 198 -10.58 6.42 2.58
N CYS A 199 -9.43 6.21 3.23
CA CYS A 199 -8.77 4.90 3.18
C CYS A 199 -8.74 4.27 4.57
N PRO A 200 -8.76 2.93 4.61
CA PRO A 200 -8.68 2.22 5.89
C PRO A 200 -7.26 2.21 6.45
N ARG A 201 -7.14 2.20 7.77
CA ARG A 201 -5.83 2.03 8.40
C ARG A 201 -5.93 1.10 9.61
N LYS A 202 -6.77 1.48 10.56
CA LYS A 202 -6.91 0.71 11.79
C LYS A 202 -7.92 -0.42 11.66
N ASN A 203 -7.75 -1.44 12.48
CA ASN A 203 -8.70 -2.55 12.55
C ASN A 203 -9.84 -2.19 13.50
N LEU A 204 -11.03 -2.69 13.19
CA LEU A 204 -12.21 -2.33 13.98
C LEU A 204 -12.48 -3.36 15.07
N GLU A 205 -12.25 -2.95 16.32
CA GLU A 205 -12.41 -3.84 17.46
C GLU A 205 -13.88 -4.02 17.82
N ASN A 206 -14.24 -5.23 18.23
CA ASN A 206 -15.61 -5.60 18.59
C ASN A 206 -16.59 -5.40 17.44
N ALA A 207 -16.09 -5.44 16.20
CA ALA A 207 -16.92 -5.21 15.03
C ALA A 207 -16.74 -6.30 13.98
N LYS A 208 -17.81 -6.62 13.27
CA LYS A 208 -17.80 -7.64 12.25
C LYS A 208 -18.39 -7.11 10.94
N PHE A 209 -17.63 -7.21 9.85
CA PHE A 209 -18.12 -6.80 8.54
C PHE A 209 -19.40 -7.55 8.19
N GLY A 210 -20.33 -6.86 7.55
CA GLY A 210 -21.59 -7.47 7.18
C GLY A 210 -22.20 -6.86 5.93
N LEU A 211 -23.35 -7.38 5.53
CA LEU A 211 -24.06 -6.85 4.38
C LEU A 211 -25.43 -6.33 4.78
N TRP A 212 -25.68 -5.05 4.51
CA TRP A 212 -26.93 -4.41 4.90
C TRP A 212 -28.07 -4.86 3.99
N VAL A 213 -29.04 -5.56 4.57
CA VAL A 213 -30.18 -6.07 3.84
C VAL A 213 -31.50 -5.75 4.52
N ASP A 214 -32.35 -5.02 3.83
CA ASP A 214 -33.70 -4.70 4.30
C ASP A 214 -33.74 -4.14 5.73
N GLY A 215 -32.94 -3.12 5.98
CA GLY A 215 -32.94 -2.45 7.27
C GLY A 215 -32.26 -3.23 8.38
N ASN A 216 -31.44 -4.21 8.00
CA ASN A 216 -30.73 -5.03 8.98
C ASN A 216 -29.35 -5.43 8.47
N CYS A 217 -28.37 -5.45 9.36
CA CYS A 217 -27.02 -5.84 8.98
C CYS A 217 -26.83 -7.34 9.13
N GLU A 218 -26.71 -8.02 7.98
CA GLU A 218 -26.60 -9.47 7.96
C GLU A 218 -25.15 -9.92 7.84
N ASP A 219 -24.89 -11.17 8.22
CA ASP A 219 -23.56 -11.75 8.07
C ASP A 219 -23.18 -11.90 6.60
N ILE A 220 -21.88 -11.88 6.33
CA ILE A 220 -21.40 -12.29 5.01
C ILE A 220 -21.85 -13.73 4.81
N PRO A 221 -22.69 -13.96 3.78
CA PRO A 221 -23.32 -15.27 3.60
C PRO A 221 -22.31 -16.39 3.36
N HIS A 222 -21.18 -16.06 2.74
CA HIS A 222 -20.15 -17.07 2.47
C HIS A 222 -18.75 -16.52 2.73
N VAL A 223 -18.01 -17.19 3.59
CA VAL A 223 -16.63 -16.80 3.89
C VAL A 223 -15.68 -17.98 3.75
N ASN A 224 -14.39 -17.68 3.59
CA ASN A 224 -13.37 -18.71 3.52
C ASN A 224 -12.55 -18.72 4.80
N GLU A 225 -12.75 -19.75 5.62
CA GLU A 225 -12.18 -19.78 6.96
C GLU A 225 -10.73 -20.25 6.96
N PHE A 226 -9.85 -19.37 7.42
CA PHE A 226 -8.43 -19.68 7.62
C PHE A 226 -8.10 -19.53 9.10
N SER A 227 -7.44 -20.53 9.66
CA SER A 227 -7.03 -20.46 11.07
C SER A 227 -5.93 -19.41 11.24
N ALA A 228 -6.02 -18.63 12.32
CA ALA A 228 -5.04 -17.57 12.58
C ALA A 228 -4.87 -17.35 14.08
N ASN A 229 -3.61 -17.39 14.52
CA ASN A 229 -3.30 -17.31 15.94
C ASN A 229 -3.63 -15.97 16.57
N ASP A 230 -3.40 -14.89 15.83
CA ASP A 230 -3.74 -13.55 16.31
C ASP A 230 -4.21 -12.66 15.17
N LEU A 231 -4.56 -11.41 15.48
CA LEU A 231 -5.02 -10.47 14.47
C LEU A 231 -3.97 -10.24 13.39
N PHE A 232 -2.71 -10.16 13.80
CA PHE A 232 -1.61 -9.96 12.87
C PHE A 232 -1.58 -11.05 11.82
N GLU A 233 -1.71 -12.30 12.26
CA GLU A 233 -1.64 -13.43 11.35
C GLU A 233 -2.86 -13.46 10.41
N CYS A 234 -3.99 -12.93 10.89
CA CYS A 234 -5.17 -12.83 10.06
C CYS A 234 -4.99 -11.78 8.98
N ASN A 235 -4.52 -10.59 9.37
CA ASN A 235 -4.23 -9.51 8.43
C ASN A 235 -3.21 -9.97 7.39
N LYS A 236 -2.26 -10.78 7.85
CA LYS A 236 -1.24 -11.35 6.98
C LYS A 236 -1.86 -12.22 5.90
N LEU A 237 -2.84 -13.03 6.30
CA LEU A 237 -3.50 -13.95 5.38
C LEU A 237 -4.39 -13.22 4.38
N VAL A 238 -5.12 -12.21 4.85
CA VAL A 238 -5.98 -11.41 3.98
C VAL A 238 -5.16 -10.70 2.90
N PHE A 239 -3.98 -10.21 3.29
CA PHE A 239 -3.06 -9.58 2.34
C PHE A 239 -2.62 -10.56 1.27
N GLU A 240 -2.27 -11.77 1.68
CA GLU A 240 -1.81 -12.81 0.76
C GLU A 240 -2.85 -13.17 -0.28
N LEU A 241 -4.13 -13.11 0.10
CA LEU A 241 -5.22 -13.49 -0.78
C LEU A 241 -5.88 -12.30 -1.47
N SER A 242 -5.39 -11.10 -1.16
CA SER A 242 -6.02 -9.88 -1.64
C SER A 242 -5.78 -9.59 -3.11
N ALA A 243 -6.35 -8.49 -3.58
CA ALA A 243 -6.24 -8.05 -4.96
C ALA A 243 -4.78 -8.01 -5.42
N SER A 244 -4.51 -8.68 -6.53
CA SER A 244 -3.15 -8.77 -7.05
C SER A 244 -3.15 -8.56 -8.56
N ASP A 245 -2.25 -7.70 -9.03
CA ASP A 245 -2.17 -7.36 -10.45
C ASP A 245 -1.14 -8.24 -11.17
N GLN A 246 -0.78 -9.35 -10.54
CA GLN A 246 0.19 -10.28 -11.10
C GLN A 246 -0.06 -11.68 -10.57
N PRO A 247 -0.28 -12.64 -11.48
CA PRO A 247 -0.56 -14.04 -11.11
C PRO A 247 0.53 -14.63 -10.22
N LYS A 248 0.13 -15.43 -9.23
CA LYS A 248 1.09 -16.07 -8.33
C LYS A 248 2.01 -17.00 -9.11
N GLN A 249 3.25 -17.10 -8.65
CA GLN A 249 4.28 -17.94 -9.27
C GLN A 249 4.63 -17.49 -10.69
N TYR A 250 4.43 -16.20 -10.96
CA TYR A 250 4.84 -15.59 -12.22
C TYR A 250 4.34 -16.34 -13.45
N ASP A 285 -4.94 -4.29 -19.64
CA ASP A 285 -4.17 -5.51 -19.37
C ASP A 285 -5.01 -6.52 -18.60
N ARG A 286 -4.83 -7.79 -18.89
CA ARG A 286 -5.66 -8.85 -18.33
C ARG A 286 -5.35 -9.15 -16.87
N TYR A 287 -4.15 -8.77 -16.43
CA TYR A 287 -3.70 -9.11 -15.07
C TYR A 287 -4.18 -8.10 -14.03
N LYS A 288 -4.67 -6.95 -14.47
CA LYS A 288 -5.13 -5.90 -13.55
C LYS A 288 -6.38 -6.34 -12.78
N SER A 289 -6.34 -6.17 -11.48
CA SER A 289 -7.47 -6.52 -10.63
C SER A 289 -8.43 -5.35 -10.47
N HIS A 290 -7.90 -4.14 -10.58
CA HIS A 290 -8.66 -2.91 -10.37
C HIS A 290 -9.29 -2.88 -8.98
N GLY A 291 -8.68 -3.58 -8.03
CA GLY A 291 -9.16 -3.58 -6.66
C GLY A 291 -10.00 -4.78 -6.29
N LYS A 292 -10.38 -5.58 -7.29
CA LYS A 292 -11.19 -6.77 -7.03
C LYS A 292 -10.36 -7.87 -6.39
N GLY A 293 -10.87 -8.46 -5.32
CA GLY A 293 -10.18 -9.55 -4.66
C GLY A 293 -10.63 -9.81 -3.23
N TYR A 294 -9.99 -10.78 -2.58
CA TYR A 294 -10.28 -11.10 -1.19
C TYR A 294 -9.60 -10.11 -0.26
N ASN A 295 -10.16 -8.91 -0.19
CA ASN A 295 -9.53 -7.78 0.47
C ASN A 295 -9.95 -7.63 1.93
N TRP A 296 -10.93 -8.41 2.37
CA TRP A 296 -11.48 -8.24 3.71
C TRP A 296 -11.43 -9.50 4.53
N GLY A 297 -11.45 -9.34 5.85
CA GLY A 297 -11.44 -10.48 6.76
C GLY A 297 -12.03 -10.16 8.12
N ASN A 298 -12.95 -11.01 8.57
CA ASN A 298 -13.45 -10.94 9.93
C ASN A 298 -12.68 -11.90 10.81
N TYR A 299 -11.96 -11.38 11.80
CA TYR A 299 -11.19 -12.24 12.68
C TYR A 299 -11.89 -12.53 13.99
N ASN A 300 -12.27 -13.79 14.18
CA ASN A 300 -12.81 -14.25 15.45
C ASN A 300 -11.64 -14.62 16.36
N ARG A 301 -11.38 -13.80 17.36
CA ARG A 301 -10.20 -13.98 18.20
C ARG A 301 -10.36 -15.12 19.20
N GLU A 302 -11.61 -15.54 19.42
CA GLU A 302 -11.89 -16.63 20.35
C GLU A 302 -11.71 -17.99 19.66
N THR A 303 -12.23 -18.12 18.45
CA THR A 303 -12.12 -19.37 17.70
C THR A 303 -10.84 -19.37 16.85
N GLN A 304 -10.16 -18.23 16.85
CA GLN A 304 -8.93 -18.04 16.07
C GLN A 304 -9.16 -18.36 14.60
N LYS A 305 -10.26 -17.84 14.06
CA LYS A 305 -10.59 -18.02 12.65
C LYS A 305 -10.52 -16.70 11.90
N CYS A 306 -9.77 -16.70 10.80
CA CYS A 306 -9.74 -15.55 9.90
C CYS A 306 -10.74 -15.80 8.77
N GLU A 307 -11.86 -15.09 8.82
CA GLU A 307 -12.93 -15.31 7.85
C GLU A 307 -12.80 -14.36 6.66
N ILE A 308 -12.25 -14.88 5.57
CA ILE A 308 -11.86 -14.07 4.44
C ILE A 308 -12.88 -14.13 3.30
N PHE A 309 -13.22 -12.96 2.75
CA PHE A 309 -14.23 -12.87 1.69
C PHE A 309 -13.86 -11.78 0.68
N ASN A 310 -14.50 -11.82 -0.49
CA ASN A 310 -14.10 -10.94 -1.59
C ASN A 310 -15.19 -9.99 -2.08
N VAL A 311 -16.20 -9.75 -1.25
CA VAL A 311 -17.22 -8.76 -1.58
C VAL A 311 -17.18 -7.65 -0.54
N LYS A 312 -17.40 -6.41 -0.98
CA LYS A 312 -17.31 -5.27 -0.08
C LYS A 312 -18.38 -5.32 1.01
N PRO A 313 -17.99 -5.05 2.26
CA PRO A 313 -18.95 -4.96 3.36
C PRO A 313 -19.72 -3.65 3.29
N THR A 314 -20.96 -3.65 3.76
CA THR A 314 -21.79 -2.46 3.68
C THR A 314 -22.38 -2.06 5.03
N CYS A 315 -21.92 -2.73 6.09
CA CYS A 315 -22.33 -2.40 7.45
C CYS A 315 -21.47 -3.13 8.49
N LEU A 316 -21.59 -2.72 9.74
CA LEU A 316 -20.86 -3.36 10.82
C LEU A 316 -21.80 -4.04 11.82
N ILE A 317 -21.40 -5.20 12.32
CA ILE A 317 -22.15 -5.88 13.37
C ILE A 317 -21.38 -5.81 14.68
N ASN A 318 -22.07 -5.47 15.76
CA ASN A 318 -21.45 -5.43 17.08
C ASN A 318 -21.24 -6.84 17.63
N ASN A 319 -19.98 -7.23 17.78
CA ASN A 319 -19.64 -8.54 18.32
C ASN A 319 -18.25 -8.51 18.94
N SER A 320 -18.20 -8.70 20.26
CA SER A 320 -16.95 -8.57 21.02
C SER A 320 -15.94 -9.67 20.74
N SER A 321 -16.33 -10.66 19.93
CA SER A 321 -15.44 -11.75 19.59
C SER A 321 -14.66 -11.47 18.31
N TYR A 322 -15.01 -10.36 17.64
CA TYR A 322 -14.48 -10.10 16.31
C TYR A 322 -13.68 -8.81 16.17
N ILE A 323 -12.77 -8.82 15.20
CA ILE A 323 -12.05 -7.62 14.78
C ILE A 323 -12.10 -7.54 13.26
N ALA A 324 -12.54 -6.41 12.72
CA ALA A 324 -12.65 -6.24 11.28
C ALA A 324 -11.35 -5.72 10.67
N THR A 325 -10.79 -6.50 9.74
CA THR A 325 -9.53 -6.13 9.10
C THR A 325 -9.64 -6.11 7.58
N THR A 326 -8.72 -5.41 6.94
CA THR A 326 -8.59 -5.44 5.49
C THR A 326 -7.12 -5.59 5.11
N ALA A 327 -6.86 -5.90 3.86
CA ALA A 327 -5.50 -6.09 3.37
C ALA A 327 -4.69 -4.80 3.43
N LEU A 328 -5.39 -3.67 3.35
CA LEU A 328 -4.74 -2.36 3.42
C LEU A 328 -4.41 -1.96 4.84
N SER A 329 -5.17 -2.48 5.80
CA SER A 329 -5.10 -2.05 7.19
C SER A 329 -3.78 -2.43 7.87
N HIS A 330 -3.40 -1.61 8.86
CA HIS A 330 -2.26 -1.91 9.71
C HIS A 330 -2.53 -3.23 10.44
N PRO A 331 -1.50 -4.08 10.55
CA PRO A 331 -1.69 -5.42 11.13
C PRO A 331 -1.84 -5.43 12.65
N ILE A 332 -1.68 -4.29 13.31
CA ILE A 332 -1.72 -4.25 14.77
C ILE A 332 -2.76 -3.28 15.32
N GLU A 333 -2.72 -2.04 14.84
CA GLU A 333 -3.55 -0.96 15.36
C GLU A 333 -5.05 -1.27 15.31
N VAL A 334 -5.73 -1.03 16.42
CA VAL A 334 -7.18 -1.17 16.48
C VAL A 334 -7.83 0.14 16.90
N GLU A 335 -9.13 0.26 16.64
CA GLU A 335 -9.90 1.39 17.14
C GLU A 335 -11.34 0.96 17.41
N CYS B 1 20.61 9.92 -13.78
CA CYS B 1 20.19 11.29 -13.52
C CYS B 1 18.69 11.47 -13.69
N THR B 3 15.27 14.50 -13.46
CA THR B 3 14.84 15.90 -13.52
C THR B 3 13.56 16.07 -12.71
N THR B 4 13.56 17.02 -11.78
CA THR B 4 12.37 17.29 -10.97
C THR B 4 11.24 17.84 -11.84
N ARG B 5 10.02 17.41 -11.54
CA ARG B 5 8.86 17.86 -12.30
C ARG B 5 8.30 19.16 -11.73
N MET B 6 8.36 19.31 -10.41
CA MET B 6 7.85 20.49 -9.75
C MET B 6 8.88 21.62 -9.74
N SER B 7 8.42 22.83 -10.01
CA SER B 7 9.30 24.00 -10.07
C SER B 7 9.81 24.41 -8.69
N PRO B 8 11.07 24.86 -8.61
CA PRO B 8 12.00 25.01 -9.73
C PRO B 8 12.66 23.69 -10.15
N PRO B 9 12.65 23.39 -11.45
CA PRO B 9 13.24 22.17 -11.99
C PRO B 9 14.75 22.14 -11.86
N GLN B 10 15.27 21.01 -11.38
CA GLN B 10 16.70 20.81 -11.20
C GLN B 10 17.07 19.41 -11.63
N GLN B 11 18.37 19.12 -11.68
CA GLN B 11 18.81 17.78 -12.02
C GLN B 11 19.49 17.12 -10.82
N ILE B 12 19.19 15.83 -10.64
CA ILE B 12 19.71 15.03 -9.54
C ILE B 12 20.37 13.78 -10.09
N CYS B 13 21.68 13.67 -9.91
CA CYS B 13 22.44 12.56 -10.48
C CYS B 13 23.05 11.68 -9.40
#